data_6VWO
#
_entry.id   6VWO
#
_cell.length_a   118.117
_cell.length_b   118.117
_cell.length_c   75.447
_cell.angle_alpha   90.000
_cell.angle_beta   90.000
_cell.angle_gamma   120.000
#
_symmetry.space_group_name_H-M   'P 32 2 1'
#
loop_
_entity.id
_entity.type
_entity.pdbx_description
1 polymer 'Inosine-guanosine kinase'
2 non-polymer "ADENOSINE-5'-DIPHOSPHATE"
3 non-polymer GUANOSINE
4 non-polymer 'POTASSIUM ION'
5 non-polymer 'MAGNESIUM ION'
6 water water
#
_entity_poly.entity_id   1
_entity_poly.type   'polypeptide(L)'
_entity_poly.pdbx_seq_one_letter_code
;GSHMKFPGKRKSKHYFPVNARDPLLQQFQPENETSAAWVVGIDQTLVDIEAKVDDEFIERYGLSAGHSLVIEDDVAEALY
QELKQKNLITHQFAGGTIGNTMHNYSVLADDRSVLLGVMCSNIEIGSYAYRYLCNTSSRTDLNYLQGVDGPIGRCFTLIG
ESGERTFAISPGHMNQLRAESIPEDVIAGASALVLTSYLVRCKPGEPMPEATMKAIEYAKKYNVPVVLTLGTKFVIAENP
QWWQQFLKDHVSILAMNEDEAEALTGESDPLLASDKALDWVDLVLCTAGPIGLYMAGFTEDEAKRKTQHPLLPGAIAEFN
QYEFSRAMRHKDCQNPLRVYSHIAPYMGGPEKIMNTNGAGDGALAALLHDITANSYHRSNVPNSSKHKFTWLTYSSLAQV
CKYANRVSYQVLNQHSPRLTRGLPEREDSLEESYWDR
;
_entity_poly.pdbx_strand_id   A
#
# COMPACT_ATOMS: atom_id res chain seq x y z
N ALA A 36 -4.24 -16.64 -15.15
CA ALA A 36 -2.89 -16.70 -15.69
C ALA A 36 -2.00 -15.64 -15.04
N ALA A 37 -2.58 -14.51 -14.66
CA ALA A 37 -1.84 -13.41 -14.05
C ALA A 37 -2.45 -13.03 -12.70
N TRP A 38 -1.60 -12.78 -11.71
CA TRP A 38 -2.08 -12.40 -10.38
C TRP A 38 -1.00 -11.66 -9.60
N VAL A 39 -1.42 -11.00 -8.55
CA VAL A 39 -0.52 -10.25 -7.68
C VAL A 39 -0.58 -10.88 -6.30
N VAL A 40 0.54 -10.82 -5.58
CA VAL A 40 0.64 -11.43 -4.25
C VAL A 40 1.06 -10.36 -3.24
N GLY A 41 0.46 -10.41 -2.07
CA GLY A 41 0.79 -9.48 -1.00
C GLY A 41 0.96 -10.18 0.32
N ILE A 42 1.78 -9.59 1.18
CA ILE A 42 1.94 -10.05 2.55
C ILE A 42 1.39 -8.96 3.47
N ASP A 43 0.50 -9.33 4.38
CA ASP A 43 -0.03 -8.39 5.34
C ASP A 43 0.01 -9.00 6.73
N GLN A 44 -0.11 -8.13 7.71
CA GLN A 44 -0.48 -8.51 9.06
C GLN A 44 -2.00 -8.52 9.10
N THR A 45 -2.59 -9.70 9.31
CA THR A 45 -4.04 -9.82 9.25
C THR A 45 -4.69 -8.98 10.34
N LEU A 46 -5.50 -8.00 9.92
CA LEU A 46 -6.07 -6.99 10.80
C LEU A 46 -7.54 -6.75 10.47
N VAL A 47 -8.36 -6.63 11.51
CA VAL A 47 -9.69 -6.05 11.41
C VAL A 47 -9.64 -4.64 11.97
N ASP A 48 -10.21 -3.69 11.23
CA ASP A 48 -10.33 -2.31 11.68
C ASP A 48 -11.60 -2.12 12.51
N ILE A 49 -11.43 -1.52 13.68
CA ILE A 49 -12.52 -1.15 14.58
C ILE A 49 -12.47 0.36 14.71
N GLU A 50 -13.46 1.05 14.14
CA GLU A 50 -13.41 2.50 13.99
C GLU A 50 -14.31 3.18 15.02
N ALA A 51 -13.83 4.32 15.52
CA ALA A 51 -14.57 5.08 16.52
C ALA A 51 -14.12 6.53 16.46
N LYS A 52 -15.05 7.45 16.70
CA LYS A 52 -14.73 8.85 16.92
C LYS A 52 -14.64 9.09 18.43
N VAL A 53 -13.57 9.76 18.87
CA VAL A 53 -13.26 9.89 20.29
C VAL A 53 -12.72 11.29 20.58
N ASP A 54 -12.64 11.60 21.88
CA ASP A 54 -12.14 12.88 22.36
C ASP A 54 -10.63 12.89 22.38
N ASP A 55 -10.06 14.09 22.55
CA ASP A 55 -8.62 14.22 22.76
C ASP A 55 -8.21 13.56 24.08
N GLU A 56 -9.09 13.57 25.08
CA GLU A 56 -8.76 12.93 26.34
C GLU A 56 -8.68 11.41 26.18
N PHE A 57 -9.41 10.86 25.21
CA PHE A 57 -9.35 9.42 24.96
C PHE A 57 -7.97 9.01 24.43
N ILE A 58 -7.42 9.79 23.50
CA ILE A 58 -6.12 9.45 22.92
C ILE A 58 -5.04 9.44 23.99
N GLU A 59 -5.05 10.45 24.86
CA GLU A 59 -4.03 10.55 25.91
C GLU A 59 -4.16 9.42 26.91
N ARG A 60 -5.38 9.03 27.26
CA ARG A 60 -5.58 8.05 28.33
C ARG A 60 -4.99 6.69 27.96
N TYR A 61 -4.78 6.40 26.68
CA TYR A 61 -4.22 5.12 26.26
C TYR A 61 -2.82 5.24 25.66
N GLY A 62 -2.16 6.38 25.89
CA GLY A 62 -0.76 6.50 25.54
C GLY A 62 -0.49 6.71 24.07
N LEU A 63 -1.46 7.19 23.32
CA LEU A 63 -1.36 7.32 21.88
C LEU A 63 -0.97 8.74 21.51
N SER A 64 -0.58 8.91 20.24
CA SER A 64 -0.28 10.21 19.67
C SER A 64 -1.03 10.35 18.36
N ALA A 65 -1.67 11.49 18.15
CA ALA A 65 -2.48 11.70 16.97
C ALA A 65 -1.65 11.49 15.72
N GLY A 66 -2.26 10.86 14.72
CA GLY A 66 -1.62 10.65 13.44
C GLY A 66 -0.61 9.53 13.41
N HIS A 67 -0.41 8.81 14.50
CA HIS A 67 0.52 7.70 14.53
C HIS A 67 -0.22 6.37 14.34
N SER A 68 0.54 5.37 13.93
CA SER A 68 0.18 3.97 14.08
C SER A 68 1.10 3.41 15.15
N LEU A 69 0.52 3.00 16.28
CA LEU A 69 1.29 2.53 17.42
C LEU A 69 0.81 1.15 17.86
N VAL A 70 1.74 0.26 18.14
CA VAL A 70 1.40 -1.03 18.74
C VAL A 70 1.18 -0.80 20.24
N ILE A 71 0.11 -1.39 20.78
CA ILE A 71 -0.20 -1.24 22.20
C ILE A 71 -0.18 -2.62 22.86
N GLU A 72 0.00 -2.61 24.19
CA GLU A 72 0.02 -3.84 24.95
C GLU A 72 -1.39 -4.38 25.12
N ASP A 73 -1.46 -5.67 25.47
CA ASP A 73 -2.74 -6.37 25.53
C ASP A 73 -3.68 -5.78 26.58
N ASP A 74 -3.15 -5.41 27.74
CA ASP A 74 -4.00 -4.87 28.80
C ASP A 74 -4.57 -3.51 28.40
N VAL A 75 -3.78 -2.70 27.69
CA VAL A 75 -4.26 -1.41 27.20
C VAL A 75 -5.33 -1.62 26.13
N ALA A 76 -5.10 -2.57 25.22
CA ALA A 76 -6.07 -2.86 24.18
C ALA A 76 -7.43 -3.25 24.76
N GLU A 77 -7.41 -4.05 25.82
CA GLU A 77 -8.66 -4.50 26.41
C GLU A 77 -9.41 -3.34 27.08
N ALA A 78 -8.69 -2.49 27.82
CA ALA A 78 -9.35 -1.33 28.42
C ALA A 78 -9.88 -0.38 27.35
N LEU A 79 -9.08 -0.14 26.31
CA LEU A 79 -9.51 0.72 25.22
C LEU A 79 -10.75 0.15 24.55
N TYR A 80 -10.74 -1.15 24.27
CA TYR A 80 -11.88 -1.79 23.62
C TYR A 80 -13.11 -1.77 24.52
N GLN A 81 -12.95 -2.14 25.78
CA GLN A 81 -14.08 -2.16 26.71
C GLN A 81 -14.70 -0.78 26.83
N GLU A 82 -13.88 0.28 26.79
CA GLU A 82 -14.44 1.62 26.87
C GLU A 82 -15.21 1.98 25.60
N LEU A 83 -14.73 1.54 24.43
CA LEU A 83 -15.46 1.83 23.18
C LEU A 83 -16.82 1.16 23.18
N LYS A 84 -16.89 -0.07 23.67
CA LYS A 84 -18.16 -0.78 23.77
C LYS A 84 -19.06 -0.15 24.83
N GLN A 85 -18.52 0.03 26.04
CA GLN A 85 -19.29 0.62 27.12
C GLN A 85 -19.99 1.90 26.66
N LYS A 86 -19.25 2.78 25.99
CA LYS A 86 -19.78 4.08 25.59
C LYS A 86 -20.38 4.06 24.19
N ASN A 87 -20.58 2.88 23.60
CA ASN A 87 -21.17 2.74 22.27
C ASN A 87 -20.53 3.70 21.28
N LEU A 88 -19.19 3.68 21.21
CA LEU A 88 -18.48 4.57 20.30
C LEU A 88 -18.06 3.93 18.98
N ILE A 89 -18.17 2.60 18.85
CA ILE A 89 -17.73 1.93 17.62
C ILE A 89 -18.72 2.27 16.51
N THR A 90 -18.21 2.86 15.44
CA THR A 90 -19.05 3.23 14.30
C THR A 90 -19.01 2.24 13.16
N HIS A 91 -17.89 1.54 12.97
CA HIS A 91 -17.73 0.59 11.87
C HIS A 91 -16.74 -0.48 12.28
N GLN A 92 -16.91 -1.69 11.75
CA GLN A 92 -15.90 -2.75 11.84
C GLN A 92 -15.76 -3.38 10.46
N PHE A 93 -14.51 -3.60 10.03
CA PHE A 93 -14.32 -4.16 8.70
C PHE A 93 -12.87 -4.63 8.57
N ALA A 94 -12.67 -5.64 7.75
CA ALA A 94 -11.31 -6.07 7.40
C ALA A 94 -10.46 -4.86 7.04
N GLY A 95 -9.25 -4.82 7.57
CA GLY A 95 -8.32 -3.74 7.36
C GLY A 95 -6.94 -4.27 6.99
N GLY A 96 -5.91 -3.50 7.39
CA GLY A 96 -4.53 -3.82 7.04
C GLY A 96 -4.10 -3.21 5.71
N THR A 97 -2.91 -2.58 5.67
CA THR A 97 -2.52 -1.88 4.45
C THR A 97 -2.57 -2.82 3.24
N ILE A 98 -1.98 -4.01 3.37
CA ILE A 98 -1.86 -4.86 2.20
C ILE A 98 -3.16 -5.63 1.94
N GLY A 99 -3.82 -6.07 3.01
CA GLY A 99 -5.17 -6.60 2.85
C GLY A 99 -6.06 -5.63 2.08
N ASN A 100 -6.05 -4.35 2.47
CA ASN A 100 -6.84 -3.36 1.76
C ASN A 100 -6.44 -3.27 0.29
N THR A 101 -5.14 -3.31 0.01
CA THR A 101 -4.67 -3.09 -1.35
C THR A 101 -4.95 -4.31 -2.23
N MET A 102 -4.85 -5.51 -1.67
CA MET A 102 -5.20 -6.70 -2.45
C MET A 102 -6.71 -6.77 -2.71
N HIS A 103 -7.50 -6.45 -1.69
CA HIS A 103 -8.94 -6.31 -1.83
C HIS A 103 -9.30 -5.35 -2.94
N ASN A 104 -8.76 -4.13 -2.88
CA ASN A 104 -9.07 -3.12 -3.88
C ASN A 104 -8.58 -3.50 -5.27
N TYR A 105 -7.39 -4.09 -5.38
CA TYR A 105 -6.94 -4.61 -6.67
C TYR A 105 -7.99 -5.56 -7.26
N SER A 106 -8.46 -6.52 -6.46
CA SER A 106 -9.36 -7.54 -6.97
C SER A 106 -10.74 -6.96 -7.29
N VAL A 107 -11.17 -5.93 -6.57
CA VAL A 107 -12.41 -5.25 -6.91
C VAL A 107 -12.25 -4.49 -8.22
N LEU A 108 -11.11 -3.81 -8.40
CA LEU A 108 -10.91 -3.01 -9.60
C LEU A 108 -10.73 -3.88 -10.83
N ALA A 109 -9.90 -4.92 -10.72
CA ALA A 109 -9.54 -5.75 -11.85
C ALA A 109 -10.48 -6.91 -12.07
N ASP A 110 -11.32 -7.22 -11.09
CA ASP A 110 -12.10 -8.44 -11.07
C ASP A 110 -11.22 -9.62 -11.46
N ASP A 111 -10.03 -9.67 -10.85
CA ASP A 111 -9.05 -10.72 -11.12
C ASP A 111 -8.42 -11.12 -9.80
N ARG A 112 -7.64 -12.19 -9.83
CA ARG A 112 -7.19 -12.84 -8.62
C ARG A 112 -6.02 -12.09 -7.99
N SER A 113 -6.09 -11.89 -6.68
CA SER A 113 -4.95 -11.53 -5.86
C SER A 113 -4.82 -12.61 -4.80
N VAL A 114 -3.61 -12.75 -4.25
CA VAL A 114 -3.34 -13.74 -3.22
C VAL A 114 -2.78 -13.01 -2.01
N LEU A 115 -3.35 -13.29 -0.85
CA LEU A 115 -2.93 -12.65 0.40
C LEU A 115 -2.27 -13.68 1.29
N LEU A 116 -1.04 -13.40 1.69
CA LEU A 116 -0.30 -14.19 2.65
C LEU A 116 -0.36 -13.50 4.01
N GLY A 117 -0.39 -14.31 5.06
CA GLY A 117 -0.65 -13.82 6.40
C GLY A 117 -1.20 -14.95 7.24
N VAL A 118 -1.70 -14.59 8.43
CA VAL A 118 -2.21 -15.58 9.36
C VAL A 118 -3.74 -15.54 9.39
N MET A 119 -4.33 -16.59 9.91
CA MET A 119 -5.77 -16.68 10.15
C MET A 119 -5.97 -17.62 11.33
N CYS A 120 -6.95 -17.33 12.17
CA CYS A 120 -7.29 -18.23 13.27
C CYS A 120 -7.54 -19.64 12.72
N SER A 121 -6.99 -20.63 13.42
CA SER A 121 -7.11 -22.02 12.97
C SER A 121 -8.53 -22.56 13.16
N ASN A 122 -9.24 -22.10 14.18
CA ASN A 122 -10.63 -22.44 14.40
C ASN A 122 -11.41 -21.14 14.49
N ILE A 123 -12.35 -20.95 13.56
CA ILE A 123 -13.08 -19.71 13.40
C ILE A 123 -14.51 -19.94 13.87
N GLU A 124 -14.93 -19.17 14.87
CA GLU A 124 -16.31 -19.20 15.32
C GLU A 124 -17.14 -18.18 14.55
N ILE A 125 -18.45 -18.45 14.48
CA ILE A 125 -19.35 -17.52 13.82
C ILE A 125 -19.38 -16.21 14.60
N GLY A 126 -19.34 -15.10 13.87
CA GLY A 126 -19.38 -13.79 14.48
C GLY A 126 -18.06 -13.26 14.99
N SER A 127 -17.00 -14.06 14.98
CA SER A 127 -15.70 -13.61 15.48
C SER A 127 -15.07 -12.63 14.52
N TYR A 128 -13.97 -11.99 14.97
CA TYR A 128 -13.26 -11.07 14.09
C TYR A 128 -12.68 -11.80 12.88
N ALA A 129 -12.21 -13.03 13.09
CA ALA A 129 -11.71 -13.81 11.96
C ALA A 129 -12.83 -14.12 10.97
N TYR A 130 -14.00 -14.51 11.48
CA TYR A 130 -15.16 -14.74 10.63
C TYR A 130 -15.52 -13.48 9.83
N ARG A 131 -15.54 -12.34 10.49
CA ARG A 131 -15.82 -11.08 9.81
C ARG A 131 -14.78 -10.77 8.75
N TYR A 132 -13.51 -11.01 9.07
CA TYR A 132 -12.45 -10.74 8.10
C TYR A 132 -12.69 -11.53 6.81
N LEU A 133 -13.00 -12.81 6.93
CA LEU A 133 -13.24 -13.61 5.73
C LEU A 133 -14.43 -13.08 4.93
N CYS A 134 -15.54 -12.80 5.62
CA CYS A 134 -16.74 -12.32 4.93
C CYS A 134 -16.49 -10.98 4.25
N ASN A 135 -15.76 -10.07 4.93
CA ASN A 135 -15.54 -8.74 4.39
C ASN A 135 -14.65 -8.77 3.14
N THR A 136 -13.75 -9.74 3.05
CA THR A 136 -12.71 -9.70 2.02
C THR A 136 -13.29 -9.98 0.65
N SER A 137 -12.78 -9.29 -0.35
CA SER A 137 -13.25 -9.43 -1.73
C SER A 137 -13.27 -10.88 -2.18
N SER A 138 -14.32 -11.23 -2.92
CA SER A 138 -14.52 -12.58 -3.41
C SER A 138 -13.34 -13.09 -4.21
N ARG A 139 -12.61 -12.21 -4.90
CA ARG A 139 -11.51 -12.61 -5.76
C ARG A 139 -10.15 -12.48 -5.09
N THR A 140 -10.10 -12.09 -3.82
CA THR A 140 -8.87 -12.13 -3.03
C THR A 140 -8.75 -13.54 -2.44
N ASP A 141 -7.79 -14.30 -2.93
CA ASP A 141 -7.60 -15.69 -2.52
C ASP A 141 -7.01 -15.72 -1.12
N LEU A 142 -7.74 -16.34 -0.19
CA LEU A 142 -7.30 -16.45 1.19
C LEU A 142 -6.95 -17.88 1.58
N ASN A 143 -6.79 -18.77 0.60
CA ASN A 143 -6.53 -20.18 0.88
C ASN A 143 -5.10 -20.45 1.34
N TYR A 144 -4.20 -19.47 1.23
CA TYR A 144 -2.82 -19.66 1.64
C TYR A 144 -2.50 -19.00 2.98
N LEU A 145 -3.50 -18.45 3.66
CA LEU A 145 -3.28 -17.92 5.00
C LEU A 145 -2.89 -19.05 5.95
N GLN A 146 -1.98 -18.75 6.87
CA GLN A 146 -1.43 -19.75 7.78
C GLN A 146 -2.22 -19.79 9.09
N GLY A 147 -2.62 -20.99 9.49
CA GLY A 147 -3.30 -21.12 10.76
C GLY A 147 -2.43 -20.67 11.92
N VAL A 148 -3.05 -20.02 12.89
CA VAL A 148 -2.40 -19.67 14.15
C VAL A 148 -3.38 -20.00 15.28
N ASP A 149 -2.82 -20.27 16.46
CA ASP A 149 -3.60 -20.63 17.64
C ASP A 149 -3.90 -19.42 18.52
N GLY A 150 -4.13 -18.26 17.91
CA GLY A 150 -4.49 -17.08 18.64
C GLY A 150 -5.29 -16.14 17.76
N PRO A 151 -5.63 -14.96 18.28
CA PRO A 151 -6.47 -14.03 17.51
C PRO A 151 -5.66 -13.34 16.43
N ILE A 152 -6.39 -12.85 15.43
CA ILE A 152 -5.77 -12.02 14.40
C ILE A 152 -5.62 -10.62 15.00
N GLY A 153 -5.01 -9.72 14.25
CA GLY A 153 -4.78 -8.39 14.75
C GLY A 153 -6.04 -7.56 14.76
N ARG A 154 -6.07 -6.58 15.65
CA ARG A 154 -7.09 -5.55 15.67
C ARG A 154 -6.42 -4.20 15.53
N CYS A 155 -6.95 -3.36 14.62
CA CYS A 155 -6.56 -1.97 14.48
C CYS A 155 -7.72 -1.10 14.95
N PHE A 156 -7.53 -0.44 16.09
CA PHE A 156 -8.50 0.56 16.55
C PHE A 156 -8.20 1.86 15.81
N THR A 157 -9.07 2.20 14.85
CA THR A 157 -8.93 3.40 14.05
C THR A 157 -9.72 4.50 14.75
N LEU A 158 -9.00 5.43 15.34
CA LEU A 158 -9.58 6.45 16.21
C LEU A 158 -9.54 7.79 15.50
N ILE A 159 -10.71 8.39 15.31
CA ILE A 159 -10.81 9.71 14.68
C ILE A 159 -11.05 10.72 15.79
N GLY A 160 -10.16 11.72 15.89
CA GLY A 160 -10.28 12.73 16.91
C GLY A 160 -11.26 13.82 16.55
N GLU A 161 -11.50 14.71 17.52
CA GLU A 161 -12.39 15.83 17.27
C GLU A 161 -11.87 16.71 16.15
N SER A 162 -10.54 16.85 16.06
CA SER A 162 -9.91 17.68 15.05
C SER A 162 -9.82 17.03 13.68
N GLY A 163 -10.28 15.79 13.53
CA GLY A 163 -10.23 15.10 12.26
C GLY A 163 -8.98 14.29 12.00
N GLU A 164 -7.99 14.37 12.88
CA GLU A 164 -6.81 13.52 12.76
C GLU A 164 -7.18 12.08 13.06
N ARG A 165 -6.44 11.16 12.45
CA ARG A 165 -6.71 9.73 12.55
C ARG A 165 -5.52 9.05 13.21
N THR A 166 -5.80 8.18 14.17
CA THR A 166 -4.77 7.46 14.91
C THR A 166 -5.09 5.99 14.86
N PHE A 167 -4.05 5.16 14.74
CA PHE A 167 -4.21 3.72 14.68
C PHE A 167 -3.55 3.10 15.90
N ALA A 168 -4.34 2.37 16.69
CA ALA A 168 -3.84 1.63 17.85
C ALA A 168 -3.92 0.15 17.52
N ILE A 169 -2.75 -0.50 17.44
CA ILE A 169 -2.62 -1.85 16.90
C ILE A 169 -2.46 -2.83 18.05
N SER A 170 -3.39 -3.77 18.15
CA SER A 170 -3.29 -4.92 19.05
C SER A 170 -2.92 -6.12 18.20
N PRO A 171 -1.65 -6.55 18.19
CA PRO A 171 -1.20 -7.46 17.14
C PRO A 171 -1.77 -8.86 17.22
N GLY A 172 -2.08 -9.37 18.41
CA GLY A 172 -2.42 -10.78 18.51
C GLY A 172 -1.30 -11.61 17.90
N HIS A 173 -1.67 -12.59 17.08
CA HIS A 173 -0.72 -13.44 16.38
C HIS A 173 -0.45 -13.00 14.95
N MET A 174 -0.66 -11.72 14.63
CA MET A 174 -0.58 -11.30 13.23
C MET A 174 0.84 -11.39 12.68
N ASN A 175 1.84 -11.39 13.56
CA ASN A 175 3.24 -11.45 13.15
C ASN A 175 3.82 -12.86 13.25
N GLN A 176 2.96 -13.88 13.35
CA GLN A 176 3.39 -15.26 13.50
C GLN A 176 3.42 -16.01 12.17
N LEU A 177 3.41 -15.30 11.04
CA LEU A 177 3.62 -15.91 9.76
C LEU A 177 5.06 -16.42 9.64
N ARG A 178 5.23 -17.69 9.31
CA ARG A 178 6.54 -18.30 9.20
C ARG A 178 7.00 -18.38 7.75
N ALA A 179 8.33 -18.34 7.57
CA ALA A 179 8.87 -18.37 6.21
C ALA A 179 8.46 -19.65 5.49
N GLU A 180 8.32 -20.75 6.22
CA GLU A 180 7.93 -22.01 5.59
C GLU A 180 6.56 -21.90 4.94
N SER A 181 5.71 -21.00 5.44
CA SER A 181 4.35 -20.87 4.92
C SER A 181 4.25 -20.02 3.66
N ILE A 182 5.37 -19.54 3.13
CA ILE A 182 5.39 -18.70 1.94
C ILE A 182 5.39 -19.63 0.72
N PRO A 183 4.30 -19.72 -0.04
CA PRO A 183 4.29 -20.65 -1.20
C PRO A 183 5.18 -20.12 -2.32
N GLU A 184 6.23 -20.88 -2.62
CA GLU A 184 7.15 -20.46 -3.67
C GLU A 184 6.43 -20.35 -5.01
N ASP A 185 5.55 -21.31 -5.31
CA ASP A 185 4.89 -21.30 -6.61
C ASP A 185 4.00 -20.07 -6.78
N VAL A 186 3.37 -19.62 -5.69
CA VAL A 186 2.50 -18.45 -5.78
C VAL A 186 3.32 -17.22 -6.14
N ILE A 187 4.49 -17.05 -5.52
CA ILE A 187 5.32 -15.90 -5.88
C ILE A 187 5.91 -16.08 -7.27
N ALA A 188 6.25 -17.31 -7.65
CA ALA A 188 6.91 -17.53 -8.93
C ALA A 188 6.09 -17.01 -10.09
N GLY A 189 4.78 -17.24 -10.07
CA GLY A 189 3.91 -16.82 -11.15
C GLY A 189 3.28 -15.45 -10.99
N ALA A 190 3.70 -14.67 -9.99
CA ALA A 190 3.05 -13.40 -9.68
C ALA A 190 3.65 -12.28 -10.51
N SER A 191 2.82 -11.26 -10.77
CA SER A 191 3.30 -10.07 -11.46
C SER A 191 4.00 -9.10 -10.52
N ALA A 192 3.78 -9.23 -9.22
CA ALA A 192 4.43 -8.37 -8.24
C ALA A 192 4.22 -8.98 -6.86
N LEU A 193 5.17 -8.71 -5.97
CA LEU A 193 5.06 -9.02 -4.56
C LEU A 193 4.91 -7.69 -3.82
N VAL A 194 3.82 -7.55 -3.07
CA VAL A 194 3.45 -6.26 -2.49
C VAL A 194 3.58 -6.34 -0.98
N LEU A 195 4.32 -5.38 -0.42
CA LEU A 195 4.69 -5.37 0.98
C LEU A 195 4.42 -3.99 1.56
N THR A 196 4.29 -3.92 2.88
CA THR A 196 4.25 -2.65 3.59
C THR A 196 5.41 -2.59 4.58
N SER A 197 5.90 -1.37 4.83
CA SER A 197 6.96 -1.21 5.81
C SER A 197 6.56 -1.71 7.20
N TYR A 198 5.25 -1.76 7.51
CA TYR A 198 4.82 -2.28 8.78
C TYR A 198 5.26 -3.72 9.05
N LEU A 199 5.60 -4.47 8.00
CA LEU A 199 5.92 -5.88 8.19
C LEU A 199 7.20 -6.10 9.00
N VAL A 200 8.08 -5.10 9.09
CA VAL A 200 9.29 -5.25 9.90
C VAL A 200 9.07 -4.87 11.35
N ARG A 201 7.90 -4.34 11.68
CA ARG A 201 7.56 -3.96 13.04
C ARG A 201 6.91 -5.15 13.74
N CYS A 202 7.61 -5.73 14.72
CA CYS A 202 7.05 -6.83 15.49
C CYS A 202 7.82 -6.94 16.80
N LYS A 203 7.42 -7.89 17.62
CA LYS A 203 8.14 -8.11 18.86
C LYS A 203 9.37 -8.98 18.59
N PRO A 204 10.42 -8.83 19.40
CA PRO A 204 11.66 -9.57 19.12
C PRO A 204 11.41 -11.07 19.05
N GLY A 205 11.90 -11.69 17.99
CA GLY A 205 11.80 -13.12 17.82
C GLY A 205 10.61 -13.60 17.02
N GLU A 206 9.68 -12.73 16.66
CA GLU A 206 8.55 -13.15 15.83
C GLU A 206 9.00 -13.36 14.39
N PRO A 207 8.37 -14.30 13.67
CA PRO A 207 8.92 -14.72 12.37
C PRO A 207 8.51 -13.87 11.18
N MET A 208 7.61 -12.90 11.33
CA MET A 208 7.10 -12.18 10.15
C MET A 208 8.21 -11.49 9.36
N PRO A 209 9.18 -10.80 9.98
CA PRO A 209 10.26 -10.22 9.16
C PRO A 209 11.00 -11.27 8.34
N GLU A 210 11.24 -12.45 8.94
CA GLU A 210 11.94 -13.51 8.23
C GLU A 210 11.09 -14.08 7.10
N ALA A 211 9.78 -14.20 7.33
CA ALA A 211 8.88 -14.66 6.28
C ALA A 211 8.85 -13.67 5.12
N THR A 212 8.83 -12.37 5.43
CA THR A 212 8.91 -11.35 4.38
C THR A 212 10.20 -11.48 3.57
N MET A 213 11.33 -11.67 4.24
CA MET A 213 12.58 -11.79 3.48
C MET A 213 12.62 -13.07 2.64
N LYS A 214 11.97 -14.14 3.10
CA LYS A 214 11.87 -15.33 2.27
C LYS A 214 11.06 -15.06 1.00
N ALA A 215 9.97 -14.30 1.11
CA ALA A 215 9.20 -13.98 -0.08
C ALA A 215 10.02 -13.12 -1.04
N ILE A 216 10.82 -12.20 -0.51
CA ILE A 216 11.67 -11.38 -1.36
C ILE A 216 12.70 -12.27 -2.06
N GLU A 217 13.26 -13.23 -1.34
CA GLU A 217 14.19 -14.18 -1.93
C GLU A 217 13.57 -14.86 -3.14
N TYR A 218 12.33 -15.35 -3.00
CA TYR A 218 11.66 -15.98 -4.12
C TYR A 218 11.42 -14.98 -5.23
N ALA A 219 11.03 -13.75 -4.90
CA ALA A 219 10.78 -12.76 -5.93
C ALA A 219 12.02 -12.50 -6.77
N LYS A 220 13.18 -12.39 -6.12
CA LYS A 220 14.42 -12.20 -6.85
C LYS A 220 14.73 -13.41 -7.72
N LYS A 221 14.49 -14.61 -7.17
CA LYS A 221 14.72 -15.83 -7.92
C LYS A 221 13.95 -15.85 -9.23
N TYR A 222 12.70 -15.35 -9.23
CA TYR A 222 11.88 -15.39 -10.43
C TYR A 222 11.72 -14.03 -11.10
N ASN A 223 12.53 -13.04 -10.72
CA ASN A 223 12.50 -11.74 -11.35
C ASN A 223 11.12 -11.07 -11.21
N VAL A 224 10.50 -11.26 -10.05
CA VAL A 224 9.21 -10.66 -9.75
C VAL A 224 9.47 -9.32 -9.06
N PRO A 225 8.96 -8.20 -9.60
CA PRO A 225 9.19 -6.91 -8.93
C PRO A 225 8.59 -6.87 -7.54
N VAL A 226 9.35 -6.31 -6.59
CA VAL A 226 8.88 -6.12 -5.22
C VAL A 226 8.35 -4.70 -5.06
N VAL A 227 7.15 -4.59 -4.50
CA VAL A 227 6.51 -3.31 -4.24
C VAL A 227 6.56 -3.05 -2.73
N LEU A 228 6.96 -1.85 -2.34
CA LEU A 228 6.92 -1.46 -0.95
C LEU A 228 6.10 -0.19 -0.79
N THR A 229 5.11 -0.22 0.09
CA THR A 229 4.39 0.99 0.47
C THR A 229 4.79 1.35 1.90
N LEU A 230 5.03 2.64 2.12
CA LEU A 230 5.50 3.11 3.41
C LEU A 230 4.32 3.40 4.35
N GLY A 231 4.51 3.11 5.65
CA GLY A 231 3.48 3.27 6.65
C GLY A 231 3.80 4.31 7.72
N THR A 232 3.47 5.56 7.43
CA THR A 232 3.49 6.75 8.29
C THR A 232 4.87 7.40 8.32
N LYS A 233 4.88 8.73 8.32
CA LYS A 233 6.16 9.45 8.35
C LYS A 233 6.90 9.16 9.65
N PHE A 234 6.17 9.01 10.76
CA PHE A 234 6.82 8.84 12.05
C PHE A 234 7.62 7.54 12.13
N VAL A 235 7.08 6.46 11.57
CA VAL A 235 7.81 5.19 11.60
C VAL A 235 9.04 5.26 10.71
N ILE A 236 8.89 5.80 9.49
CA ILE A 236 10.01 5.86 8.56
C ILE A 236 11.12 6.74 9.14
N ALA A 237 10.73 7.84 9.80
CA ALA A 237 11.67 8.79 10.39
C ALA A 237 12.50 8.16 11.49
N GLU A 238 12.12 7.00 11.99
CA GLU A 238 12.92 6.36 13.02
C GLU A 238 14.29 5.94 12.50
N ASN A 239 14.38 5.61 11.23
CA ASN A 239 15.63 5.21 10.63
C ASN A 239 15.51 5.28 9.11
N PRO A 240 15.48 6.48 8.55
CA PRO A 240 15.32 6.61 7.09
C PRO A 240 16.46 5.97 6.30
N GLN A 241 17.69 6.02 6.82
CA GLN A 241 18.81 5.47 6.08
C GLN A 241 18.69 3.96 5.94
N TRP A 242 18.20 3.27 6.97
CA TRP A 242 17.96 1.83 6.85
C TRP A 242 16.97 1.55 5.72
N TRP A 243 15.89 2.35 5.64
CA TRP A 243 14.89 2.15 4.61
C TRP A 243 15.45 2.44 3.22
N GLN A 244 16.29 3.48 3.08
CA GLN A 244 16.93 3.72 1.78
C GLN A 244 17.74 2.50 1.32
N GLN A 245 18.50 1.87 2.23
CA GLN A 245 19.30 0.71 1.87
C GLN A 245 18.42 -0.48 1.58
N PHE A 246 17.33 -0.65 2.34
CA PHE A 246 16.37 -1.71 2.04
C PHE A 246 15.81 -1.53 0.63
N LEU A 247 15.45 -0.30 0.26
CA LEU A 247 14.93 -0.05 -1.06
C LEU A 247 15.96 -0.38 -2.14
N LYS A 248 17.20 0.08 -1.95
CA LYS A 248 18.27 -0.23 -2.89
C LYS A 248 18.42 -1.73 -3.07
N ASP A 249 18.38 -2.48 -1.96
CA ASP A 249 18.68 -3.90 -2.00
C ASP A 249 17.56 -4.72 -2.65
N HIS A 250 16.30 -4.35 -2.42
CA HIS A 250 15.22 -5.30 -2.67
C HIS A 250 14.02 -4.79 -3.47
N VAL A 251 13.85 -3.48 -3.66
CA VAL A 251 12.55 -2.94 -4.06
C VAL A 251 12.61 -2.37 -5.46
N SER A 252 11.63 -2.75 -6.28
CA SER A 252 11.42 -2.20 -7.61
C SER A 252 10.50 -1.00 -7.62
N ILE A 253 9.40 -1.06 -6.87
CA ILE A 253 8.34 -0.06 -6.94
C ILE A 253 8.04 0.44 -5.53
N LEU A 254 8.05 1.76 -5.37
CA LEU A 254 7.85 2.44 -4.10
C LEU A 254 6.57 3.27 -4.16
N ALA A 255 5.75 3.15 -3.14
CA ALA A 255 4.52 3.94 -3.01
C ALA A 255 4.54 4.64 -1.66
N MET A 256 4.19 5.92 -1.65
CA MET A 256 4.23 6.71 -0.42
C MET A 256 3.44 7.99 -0.64
N ASN A 257 3.06 8.65 0.47
CA ASN A 257 2.55 10.01 0.38
C ASN A 257 3.69 11.01 0.60
N GLU A 258 3.38 12.30 0.46
CA GLU A 258 4.43 13.33 0.47
C GLU A 258 5.11 13.43 1.83
N ASP A 259 4.39 13.18 2.93
CA ASP A 259 5.02 13.26 4.24
C ASP A 259 5.91 12.06 4.52
N GLU A 260 5.48 10.87 4.11
CA GLU A 260 6.34 9.71 4.16
C GLU A 260 7.57 9.91 3.29
N ALA A 261 7.37 10.56 2.13
CA ALA A 261 8.49 10.79 1.22
C ALA A 261 9.51 11.75 1.83
N GLU A 262 9.04 12.80 2.49
CA GLU A 262 9.94 13.73 3.16
C GLU A 262 10.72 13.03 4.26
N ALA A 263 10.07 12.17 5.03
CA ALA A 263 10.76 11.42 6.08
C ALA A 263 11.83 10.50 5.49
N LEU A 264 11.54 9.90 4.33
CA LEU A 264 12.50 8.98 3.72
C LEU A 264 13.68 9.72 3.10
N THR A 265 13.41 10.81 2.38
CA THR A 265 14.41 11.41 1.50
C THR A 265 14.97 12.74 1.99
N GLY A 266 14.30 13.38 2.95
CA GLY A 266 14.65 14.73 3.32
C GLY A 266 14.12 15.81 2.40
N GLU A 267 13.42 15.45 1.33
CA GLU A 267 12.89 16.42 0.38
C GLU A 267 11.43 16.74 0.71
N SER A 268 11.15 18.00 1.03
CA SER A 268 9.79 18.48 1.23
C SER A 268 9.03 18.66 -0.08
N ASP A 269 9.72 18.67 -1.21
CA ASP A 269 9.06 18.78 -2.51
C ASP A 269 8.79 17.39 -3.03
N PRO A 270 7.52 17.01 -3.26
CA PRO A 270 7.25 15.62 -3.67
C PRO A 270 7.96 15.24 -4.96
N LEU A 271 8.11 16.17 -5.91
CA LEU A 271 8.82 15.85 -7.15
C LEU A 271 10.28 15.51 -6.88
N LEU A 272 10.95 16.29 -6.04
CA LEU A 272 12.34 16.01 -5.73
C LEU A 272 12.51 14.76 -4.89
N ALA A 273 11.56 14.49 -3.98
CA ALA A 273 11.61 13.28 -3.18
C ALA A 273 11.48 12.05 -4.07
N SER A 274 10.58 12.13 -5.07
CA SER A 274 10.41 11.02 -6.00
C SER A 274 11.66 10.83 -6.85
N ASP A 275 12.23 11.91 -7.36
CA ASP A 275 13.46 11.80 -8.14
C ASP A 275 14.58 11.22 -7.29
N LYS A 276 14.71 11.67 -6.03
CA LYS A 276 15.74 11.08 -5.19
C LYS A 276 15.54 9.58 -5.04
N ALA A 277 14.29 9.14 -4.88
CA ALA A 277 14.03 7.73 -4.64
C ALA A 277 14.33 6.89 -5.88
N LEU A 278 14.26 7.50 -7.08
CA LEU A 278 14.68 6.78 -8.27
C LEU A 278 16.15 6.38 -8.24
N ASP A 279 16.95 6.97 -7.34
CA ASP A 279 18.30 6.47 -7.16
C ASP A 279 18.31 5.03 -6.65
N TRP A 280 17.21 4.58 -6.04
CA TRP A 280 17.17 3.30 -5.34
C TRP A 280 16.20 2.28 -5.93
N VAL A 281 15.16 2.73 -6.64
CA VAL A 281 14.10 1.86 -7.13
C VAL A 281 13.86 2.20 -8.60
N ASP A 282 12.97 1.40 -9.22
CA ASP A 282 12.64 1.57 -10.63
C ASP A 282 11.51 2.58 -10.87
N LEU A 283 10.53 2.64 -9.96
CA LEU A 283 9.31 3.37 -10.23
C LEU A 283 8.74 3.85 -8.91
N VAL A 284 8.31 5.10 -8.88
CA VAL A 284 7.83 5.75 -7.66
C VAL A 284 6.44 6.32 -7.90
N LEU A 285 5.53 6.02 -6.96
CA LEU A 285 4.22 6.64 -6.85
C LEU A 285 4.26 7.49 -5.58
N CYS A 286 4.20 8.82 -5.74
CA CYS A 286 4.21 9.73 -4.61
C CYS A 286 2.96 10.59 -4.62
N THR A 287 2.02 10.30 -3.72
CA THR A 287 0.76 11.03 -3.67
C THR A 287 0.90 12.27 -2.78
N ALA A 288 0.15 13.31 -3.13
CA ALA A 288 0.35 14.62 -2.51
C ALA A 288 -0.98 15.27 -2.16
N GLY A 289 -1.94 14.48 -1.69
CA GLY A 289 -3.19 15.03 -1.19
C GLY A 289 -3.87 15.92 -2.20
N PRO A 290 -4.28 17.13 -1.77
CA PRO A 290 -4.98 18.04 -2.71
C PRO A 290 -4.14 18.49 -3.89
N ILE A 291 -2.82 18.34 -3.84
CA ILE A 291 -2.00 18.69 -5.00
C ILE A 291 -2.16 17.68 -6.12
N GLY A 292 -2.53 16.44 -5.78
CA GLY A 292 -2.65 15.37 -6.75
C GLY A 292 -1.63 14.28 -6.45
N LEU A 293 -1.01 13.76 -7.50
CA LEU A 293 -0.01 12.75 -7.29
C LEU A 293 1.03 12.79 -8.40
N TYR A 294 2.16 12.20 -8.08
CA TYR A 294 3.34 12.19 -8.94
C TYR A 294 3.75 10.75 -9.22
N MET A 295 4.31 10.54 -10.41
CA MET A 295 4.97 9.30 -10.74
C MET A 295 6.32 9.65 -11.35
N ALA A 296 7.31 8.85 -11.02
CA ALA A 296 8.68 8.98 -11.53
C ALA A 296 9.16 7.58 -11.85
N GLY A 297 9.80 7.43 -13.01
CA GLY A 297 10.26 6.12 -13.40
C GLY A 297 11.34 6.23 -14.47
N PHE A 298 11.64 5.09 -15.07
CA PHE A 298 12.60 5.01 -16.16
C PHE A 298 11.94 4.48 -17.42
N THR A 299 12.46 4.93 -18.56
CA THR A 299 12.10 4.37 -19.86
C THR A 299 13.37 4.30 -20.71
N GLU A 300 13.37 3.38 -21.67
CA GLU A 300 14.46 3.31 -22.65
C GLU A 300 14.44 4.58 -23.50
N ASP A 301 15.57 5.29 -23.57
CA ASP A 301 15.57 6.60 -24.21
C ASP A 301 15.01 6.51 -25.63
N GLU A 302 15.40 5.47 -26.35
CA GLU A 302 14.89 5.23 -27.70
C GLU A 302 13.37 5.18 -27.73
N ALA A 303 12.76 4.67 -26.67
CA ALA A 303 11.32 4.45 -26.64
C ALA A 303 10.53 5.57 -25.98
N LYS A 304 11.17 6.66 -25.58
CA LYS A 304 10.46 7.72 -24.89
C LYS A 304 9.34 8.28 -25.76
N ARG A 305 8.29 8.77 -25.12
CA ARG A 305 7.14 9.37 -25.80
C ARG A 305 6.86 10.71 -25.16
N LYS A 306 6.88 11.78 -25.96
CA LYS A 306 6.68 13.10 -25.40
C LYS A 306 5.19 13.34 -25.16
N THR A 307 4.92 14.21 -24.19
CA THR A 307 3.56 14.51 -23.82
C THR A 307 2.92 15.43 -24.85
N GLN A 308 1.59 15.48 -24.80
CA GLN A 308 0.81 16.45 -25.54
C GLN A 308 0.20 17.49 -24.61
N HIS A 309 0.45 17.38 -23.31
CA HIS A 309 0.05 18.36 -22.33
C HIS A 309 1.09 19.48 -22.24
N PRO A 310 0.69 20.66 -21.78
CA PRO A 310 1.66 21.73 -21.55
C PRO A 310 2.74 21.26 -20.58
N LEU A 311 3.98 21.65 -20.87
CA LEU A 311 5.09 21.31 -19.98
C LEU A 311 4.93 22.05 -18.66
N LEU A 312 5.06 21.33 -17.56
CA LEU A 312 4.85 21.92 -16.25
C LEU A 312 6.17 22.48 -15.70
N PRO A 313 6.13 23.62 -15.03
CA PRO A 313 7.31 24.07 -14.28
C PRO A 313 7.47 23.29 -12.99
N GLY A 314 8.69 23.28 -12.49
CA GLY A 314 8.94 22.61 -11.22
C GLY A 314 10.41 22.62 -10.89
N ALA A 315 10.74 21.98 -9.75
CA ALA A 315 12.12 21.82 -9.35
C ALA A 315 12.92 21.05 -10.40
N ILE A 316 12.25 20.22 -11.19
CA ILE A 316 12.80 19.66 -12.42
C ILE A 316 12.04 20.31 -13.56
N ALA A 317 12.75 21.09 -14.37
CA ALA A 317 12.08 21.89 -15.39
C ALA A 317 11.46 20.97 -16.43
N GLU A 318 10.22 21.26 -16.82
CA GLU A 318 9.55 20.49 -17.86
C GLU A 318 9.54 19.00 -17.50
N PHE A 319 9.32 18.71 -16.21
CA PHE A 319 9.52 17.33 -15.76
C PHE A 319 8.59 16.36 -16.46
N ASN A 320 7.45 16.83 -16.99
CA ASN A 320 6.47 15.95 -17.60
C ASN A 320 6.67 15.82 -19.11
N GLN A 321 7.84 16.20 -19.62
CA GLN A 321 8.07 16.23 -21.05
C GLN A 321 7.81 14.88 -21.71
N TYR A 322 8.16 13.79 -21.03
CA TYR A 322 8.01 12.44 -21.58
C TYR A 322 7.01 11.60 -20.78
N GLU A 323 5.96 12.30 -20.31
CA GLU A 323 4.85 11.70 -19.57
C GLU A 323 4.19 10.53 -20.27
N PHE A 324 4.20 10.52 -21.59
CA PHE A 324 3.50 9.48 -22.33
C PHE A 324 4.32 8.22 -22.51
N SER A 325 5.51 8.15 -21.91
CA SER A 325 6.32 6.95 -21.95
C SER A 325 5.79 5.91 -20.97
N ARG A 326 6.01 4.66 -21.30
CA ARG A 326 5.76 3.57 -20.37
C ARG A 326 6.98 3.35 -19.48
N ALA A 327 6.73 2.79 -18.30
CA ALA A 327 7.80 2.54 -17.34
C ALA A 327 8.52 1.22 -17.62
N MET A 328 9.83 1.23 -17.37
CA MET A 328 10.68 0.05 -17.44
C MET A 328 11.55 -0.02 -16.20
N ARG A 329 11.86 -1.24 -15.79
CA ARG A 329 12.88 -1.42 -14.76
C ARG A 329 14.22 -0.93 -15.29
N HIS A 330 15.00 -0.30 -14.41
CA HIS A 330 16.28 0.28 -14.79
C HIS A 330 17.17 -0.76 -15.44
N LYS A 331 17.21 -1.97 -14.87
CA LYS A 331 18.09 -3.01 -15.39
C LYS A 331 17.74 -3.42 -16.81
N ASP A 332 16.51 -3.20 -17.24
CA ASP A 332 16.07 -3.58 -18.58
C ASP A 332 16.33 -2.48 -19.61
N CYS A 333 16.98 -1.39 -19.21
CA CYS A 333 17.29 -0.29 -20.11
C CYS A 333 18.77 -0.29 -20.46
N GLN A 334 19.08 -0.08 -21.75
CA GLN A 334 20.45 0.20 -22.16
C GLN A 334 20.80 1.66 -21.91
N ASN A 335 19.88 2.58 -22.22
CA ASN A 335 20.06 4.01 -21.94
C ASN A 335 18.84 4.50 -21.17
N PRO A 336 18.78 4.21 -19.87
CA PRO A 336 17.59 4.63 -19.08
C PRO A 336 17.45 6.14 -19.04
N LEU A 337 16.24 6.61 -19.29
CA LEU A 337 15.90 8.02 -19.18
C LEU A 337 14.90 8.15 -18.05
N ARG A 338 15.12 9.10 -17.15
CA ARG A 338 14.15 9.38 -16.08
C ARG A 338 12.98 10.14 -16.65
N VAL A 339 11.75 9.69 -16.32
CA VAL A 339 10.52 10.30 -16.80
C VAL A 339 9.61 10.53 -15.60
N TYR A 340 8.75 11.54 -15.73
CA TYR A 340 7.93 11.97 -14.63
C TYR A 340 6.55 12.38 -15.11
N SER A 341 5.59 12.34 -14.19
CA SER A 341 4.25 12.79 -14.49
C SER A 341 3.61 13.34 -13.23
N HIS A 342 2.73 14.32 -13.42
CA HIS A 342 1.91 14.83 -12.33
C HIS A 342 0.47 14.94 -12.84
N ILE A 343 -0.48 14.61 -11.98
CA ILE A 343 -1.89 14.79 -12.30
C ILE A 343 -2.60 15.34 -11.08
N ALA A 344 -3.39 16.39 -11.28
CA ALA A 344 -4.21 16.99 -10.24
C ALA A 344 -5.32 16.04 -9.83
N PRO A 345 -5.96 16.28 -8.69
CA PRO A 345 -7.01 15.36 -8.22
C PRO A 345 -8.16 15.30 -9.23
N TYR A 346 -8.80 14.14 -9.30
CA TYR A 346 -10.00 14.00 -10.13
C TYR A 346 -10.99 15.08 -9.77
N MET A 347 -11.06 15.37 -8.49
CA MET A 347 -11.88 16.39 -7.86
C MET A 347 -11.20 17.74 -7.95
N GLY A 348 -11.58 18.53 -8.94
CA GLY A 348 -11.22 19.93 -8.90
C GLY A 348 -12.04 20.69 -7.87
N GLY A 349 -11.39 21.59 -7.14
CA GLY A 349 -12.05 22.35 -6.11
C GLY A 349 -12.11 21.60 -4.79
N PRO A 350 -12.71 22.22 -3.75
CA PRO A 350 -12.79 21.57 -2.43
C PRO A 350 -14.03 20.70 -2.28
N GLU A 351 -14.20 19.74 -3.17
CA GLU A 351 -15.40 18.92 -3.08
C GLU A 351 -15.33 18.04 -1.83
N LYS A 352 -16.51 17.75 -1.28
CA LYS A 352 -16.62 17.11 0.01
C LYS A 352 -15.89 15.78 0.02
N ILE A 353 -15.13 15.55 1.08
CA ILE A 353 -14.44 14.31 1.33
C ILE A 353 -15.17 13.61 2.47
N MET A 354 -15.66 12.39 2.22
CA MET A 354 -16.32 11.67 3.29
C MET A 354 -15.30 11.15 4.31
N ASN A 355 -14.18 10.61 3.83
CA ASN A 355 -13.17 10.06 4.73
C ASN A 355 -11.89 9.80 3.95
N THR A 356 -10.78 10.40 4.35
CA THR A 356 -9.56 10.29 3.56
C THR A 356 -8.87 8.92 3.70
N ASN A 357 -9.26 8.12 4.68
CA ASN A 357 -8.53 6.90 5.02
C ASN A 357 -8.46 5.99 3.81
N GLY A 358 -7.22 5.66 3.40
CA GLY A 358 -6.96 4.66 2.39
C GLY A 358 -6.83 5.16 0.98
N ALA A 359 -6.88 6.47 0.75
CA ALA A 359 -6.94 6.99 -0.61
C ALA A 359 -5.65 6.69 -1.36
N GLY A 360 -4.50 6.88 -0.71
CA GLY A 360 -3.24 6.62 -1.39
C GLY A 360 -3.03 5.17 -1.74
N ASP A 361 -3.41 4.26 -0.83
CA ASP A 361 -3.29 2.84 -1.12
C ASP A 361 -4.23 2.43 -2.26
N GLY A 362 -5.35 3.14 -2.43
CA GLY A 362 -6.17 2.92 -3.62
C GLY A 362 -5.45 3.27 -4.91
N ALA A 363 -4.72 4.39 -4.90
CA ALA A 363 -3.88 4.73 -6.06
C ALA A 363 -2.89 3.61 -6.37
N LEU A 364 -2.28 3.03 -5.33
CA LEU A 364 -1.38 1.89 -5.55
C LEU A 364 -2.11 0.72 -6.20
N ALA A 365 -3.35 0.46 -5.80
CA ALA A 365 -4.08 -0.67 -6.38
C ALA A 365 -4.31 -0.47 -7.87
N ALA A 366 -4.52 0.77 -8.30
CA ALA A 366 -4.64 1.07 -9.71
C ALA A 366 -3.34 0.79 -10.45
N LEU A 367 -2.22 1.18 -9.87
CA LEU A 367 -0.92 0.87 -10.47
C LEU A 367 -0.70 -0.64 -10.58
N LEU A 368 -1.00 -1.38 -9.51
CA LEU A 368 -0.89 -2.84 -9.57
C LEU A 368 -1.75 -3.43 -10.68
N HIS A 369 -2.94 -2.87 -10.90
CA HIS A 369 -3.77 -3.34 -11.99
C HIS A 369 -3.07 -3.14 -13.33
N ASP A 370 -2.50 -1.96 -13.54
CA ASP A 370 -1.83 -1.69 -14.80
C ASP A 370 -0.61 -2.59 -14.99
N ILE A 371 0.10 -2.91 -13.91
CA ILE A 371 1.28 -3.78 -14.01
C ILE A 371 0.87 -5.22 -14.30
N THR A 372 -0.20 -5.69 -13.67
CA THR A 372 -0.65 -7.06 -13.94
C THR A 372 -1.22 -7.19 -15.34
N ALA A 373 -1.86 -6.14 -15.84
CA ALA A 373 -2.36 -6.13 -17.20
C ALA A 373 -1.21 -6.28 -18.19
N ASN A 374 -0.07 -5.67 -17.86
CA ASN A 374 1.09 -5.80 -18.73
C ASN A 374 1.61 -7.23 -18.73
N SER A 375 1.58 -7.89 -17.58
CA SER A 375 2.01 -9.27 -17.51
C SER A 375 1.14 -10.18 -18.36
N TYR A 376 -0.19 -10.00 -18.29
CA TYR A 376 -1.09 -10.83 -19.08
C TYR A 376 -0.88 -10.59 -20.57
N HIS A 377 -0.68 -9.34 -20.98
CA HIS A 377 -0.48 -9.03 -22.39
C HIS A 377 0.86 -9.53 -22.90
N ARG A 378 1.82 -9.79 -22.02
CA ARG A 378 3.11 -10.31 -22.42
C ARG A 378 3.03 -11.82 -22.69
N SER A 379 2.41 -12.55 -21.76
CA SER A 379 2.22 -13.99 -21.95
C SER A 379 1.39 -14.28 -23.19
N ASN A 380 0.47 -13.39 -23.54
CA ASN A 380 -0.42 -13.56 -24.69
C ASN A 380 0.11 -12.84 -25.92
N VAL A 381 1.38 -13.10 -26.26
CA VAL A 381 2.01 -12.50 -27.43
C VAL A 381 2.01 -13.49 -28.60
N LYS A 388 10.67 -7.72 -27.78
CA LYS A 388 10.91 -6.28 -27.92
C LYS A 388 11.38 -5.72 -26.57
N PHE A 389 10.94 -4.50 -26.23
CA PHE A 389 11.31 -3.90 -24.96
C PHE A 389 10.54 -4.56 -23.81
N THR A 390 11.22 -4.76 -22.69
CA THR A 390 10.60 -5.34 -21.49
C THR A 390 10.01 -4.21 -20.67
N TRP A 391 8.69 -4.08 -20.71
CA TRP A 391 8.01 -3.01 -19.98
C TRP A 391 7.63 -3.45 -18.57
N LEU A 392 7.44 -2.46 -17.71
CA LEU A 392 6.91 -2.67 -16.37
C LEU A 392 5.44 -2.34 -16.27
N THR A 393 5.00 -1.26 -16.92
CA THR A 393 3.58 -0.90 -16.94
C THR A 393 3.01 -1.11 -18.34
N TYR A 394 1.70 -1.35 -18.39
CA TYR A 394 1.01 -1.49 -19.67
C TYR A 394 0.76 -0.12 -20.30
N SER A 395 0.46 0.87 -19.48
CA SER A 395 0.12 2.21 -19.94
C SER A 395 1.25 3.17 -19.61
N SER A 396 1.13 4.39 -20.14
CA SER A 396 2.07 5.45 -19.84
C SER A 396 1.92 5.92 -18.39
N LEU A 397 2.96 6.60 -17.91
CA LEU A 397 2.87 7.22 -16.59
C LEU A 397 1.64 8.11 -16.49
N ALA A 398 1.38 8.93 -17.52
CA ALA A 398 0.26 9.85 -17.45
C ALA A 398 -1.08 9.12 -17.37
N GLN A 399 -1.21 8.01 -18.10
CA GLN A 399 -2.46 7.25 -18.05
C GLN A 399 -2.63 6.53 -16.72
N VAL A 400 -1.56 5.96 -16.18
CA VAL A 400 -1.62 5.33 -14.88
C VAL A 400 -1.98 6.37 -13.81
N CYS A 401 -1.42 7.57 -13.93
CA CYS A 401 -1.73 8.62 -12.96
C CYS A 401 -3.20 9.02 -13.02
N LYS A 402 -3.76 9.12 -14.23
CA LYS A 402 -5.18 9.42 -14.38
C LYS A 402 -6.05 8.35 -13.71
N TYR A 403 -5.72 7.08 -13.93
CA TYR A 403 -6.48 5.98 -13.33
C TYR A 403 -6.34 5.99 -11.82
N ALA A 404 -5.12 6.13 -11.31
CA ALA A 404 -4.90 6.16 -9.86
C ALA A 404 -5.69 7.29 -9.20
N ASN A 405 -5.76 8.45 -9.86
CA ASN A 405 -6.49 9.58 -9.33
C ASN A 405 -7.99 9.29 -9.22
N ARG A 406 -8.55 8.62 -10.22
CA ARG A 406 -9.96 8.23 -10.15
C ARG A 406 -10.22 7.24 -9.01
N VAL A 407 -9.32 6.29 -8.82
CA VAL A 407 -9.51 5.33 -7.73
C VAL A 407 -9.43 6.04 -6.39
N SER A 408 -8.43 6.93 -6.22
CA SER A 408 -8.31 7.66 -4.96
C SER A 408 -9.60 8.38 -4.63
N TYR A 409 -10.16 9.08 -5.62
CA TYR A 409 -11.43 9.79 -5.47
C TYR A 409 -12.53 8.86 -4.96
N GLN A 410 -12.67 7.69 -5.56
CA GLN A 410 -13.66 6.72 -5.11
C GLN A 410 -13.47 6.36 -3.65
N VAL A 411 -12.21 6.19 -3.21
CA VAL A 411 -11.96 5.85 -1.81
C VAL A 411 -12.31 7.04 -0.90
N LEU A 412 -12.08 8.27 -1.38
CA LEU A 412 -12.39 9.45 -0.59
C LEU A 412 -13.88 9.61 -0.37
N ASN A 413 -14.68 9.06 -1.27
CA ASN A 413 -16.14 9.25 -1.24
C ASN A 413 -16.87 8.18 -0.44
N GLN A 414 -16.16 7.43 0.38
CA GLN A 414 -16.78 6.44 1.25
C GLN A 414 -15.98 6.36 2.54
N HIS A 415 -16.56 5.69 3.53
CA HIS A 415 -15.91 5.66 4.84
C HIS A 415 -14.73 4.69 4.87
N SER A 416 -14.88 3.53 4.26
CA SER A 416 -13.90 2.47 4.37
C SER A 416 -12.68 2.75 3.48
N PRO A 417 -11.50 2.25 3.86
CA PRO A 417 -10.38 2.22 2.91
C PRO A 417 -10.51 1.13 1.86
N ARG A 418 -11.55 0.29 1.96
CA ARG A 418 -11.77 -0.82 1.03
C ARG A 418 -12.99 -0.52 0.16
N LEU A 419 -12.78 -0.46 -1.15
CA LEU A 419 -13.89 -0.38 -2.08
C LEU A 419 -14.68 -1.69 -2.10
N THR A 420 -15.98 -1.60 -2.32
CA THR A 420 -16.76 -2.80 -2.56
C THR A 420 -17.42 -2.82 -3.93
N ARG A 421 -17.20 -1.81 -4.75
CA ARG A 421 -17.56 -1.88 -6.17
C ARG A 421 -16.50 -1.15 -6.98
N GLY A 422 -16.34 -1.58 -8.23
CA GLY A 422 -15.34 -0.99 -9.09
C GLY A 422 -15.77 0.37 -9.59
N LEU A 423 -14.95 0.92 -10.48
CA LEU A 423 -15.22 2.23 -11.02
C LEU A 423 -16.37 2.17 -12.03
N PRO A 424 -17.13 3.26 -12.19
CA PRO A 424 -18.14 3.33 -13.26
C PRO A 424 -17.50 3.43 -14.64
#